data_1XTM
#
_entry.id   1XTM
#
_cell.length_a   52.462
_cell.length_b   104.350
_cell.length_c   58.756
_cell.angle_alpha   90.00
_cell.angle_beta   90.00
_cell.angle_gamma   90.00
#
_symmetry.space_group_name_H-M   'P 21 21 2'
#
loop_
_entity.id
_entity.type
_entity.pdbx_description
1 polymer 'Hypothetical superoxide dismutase-like protein yojM'
2 non-polymer 'COPPER (II) ION'
3 non-polymer 'ZINC ION'
4 water water
#
_entity_poly.entity_id   1
_entity_poly.type   'polypeptide(L)'
_entity_poly.pdbx_seq_one_letter_code
;KPPDPPNRVPEKKVVETSAFGHHVQLVNREGKAVGFIEIKESDDEGLDIHISANSLRPGASLGFHIHEKGSCVRPDFESA
GGHFNPLNKEHGFNNPMGHHAGDLPNLEVGADGKVDVIMNAPDTSLKKGSKLNILDEDGSAFIIHEQADDYLTNPSGNSG
ARIVCGALLGNNEKQ
;
_entity_poly.pdbx_strand_id   B,A
#
loop_
_chem_comp.id
_chem_comp.type
_chem_comp.name
_chem_comp.formula
CU non-polymer 'COPPER (II) ION' 'Cu 2'
ZN non-polymer 'ZINC ION' 'Zn 2'
#
# COMPACT_ATOMS: atom_id res chain seq x y z
N SER A 18 -0.23 28.11 2.93
CA SER A 18 0.86 27.22 2.41
C SER A 18 0.81 25.82 3.03
N ALA A 19 0.67 25.77 4.36
CA ALA A 19 0.68 24.49 5.11
C ALA A 19 2.07 24.13 5.65
N PHE A 20 3.14 24.72 5.08
CA PHE A 20 4.40 24.86 5.84
C PHE A 20 4.22 25.99 6.82
N GLY A 21 4.67 25.76 8.04
CA GLY A 21 4.62 26.74 9.09
C GLY A 21 5.72 26.48 10.10
N HIS A 22 5.47 26.94 11.32
CA HIS A 22 6.43 26.78 12.42
C HIS A 22 7.84 27.27 12.04
N HIS A 23 7.90 28.48 11.47
CA HIS A 23 9.15 29.08 10.99
C HIS A 23 10.20 29.14 12.11
N VAL A 24 11.39 28.76 11.76
CA VAL A 24 12.55 28.69 12.64
C VAL A 24 13.74 29.39 12.00
N GLN A 25 14.17 30.45 12.60
CA GLN A 25 15.37 31.11 12.09
C GLN A 25 16.68 30.35 12.43
N LEU A 26 17.56 30.24 11.42
CA LEU A 26 18.85 29.57 11.57
C LEU A 26 19.96 30.58 11.88
N VAL A 27 20.83 30.25 12.81
CA VAL A 27 21.95 31.17 13.12
C VAL A 27 23.27 30.39 13.24
N ASN A 28 24.38 31.00 12.80
CA ASN A 28 25.67 30.36 12.92
C ASN A 28 26.38 30.64 14.28
N ARG A 29 27.62 30.16 14.45
CA ARG A 29 28.29 30.18 15.75
C ARG A 29 28.62 31.66 16.11
N GLU A 30 28.68 32.48 15.07
CA GLU A 30 29.05 33.89 15.21
C GLU A 30 27.82 34.77 15.46
N GLY A 31 26.63 34.17 15.44
CA GLY A 31 25.36 34.89 15.53
C GLY A 31 24.78 35.48 14.26
N LYS A 32 25.35 35.16 13.11
CA LYS A 32 24.82 35.62 11.83
C LYS A 32 23.54 34.83 11.49
N ALA A 33 22.50 35.55 11.07
CA ALA A 33 21.32 34.92 10.45
C ALA A 33 21.64 34.27 9.08
N VAL A 34 21.37 32.97 8.97
CA VAL A 34 21.81 32.18 7.78
C VAL A 34 20.70 31.33 7.13
N GLY A 35 19.44 31.76 7.28
CA GLY A 35 18.30 31.16 6.62
C GLY A 35 17.25 30.68 7.63
N PHE A 36 16.45 29.70 7.20
CA PHE A 36 15.30 29.28 7.99
C PHE A 36 14.94 27.86 7.69
N ILE A 37 14.10 27.37 8.57
CA ILE A 37 13.41 26.10 8.37
C ILE A 37 11.89 26.34 8.52
N GLU A 38 11.06 25.64 7.71
CA GLU A 38 9.61 25.61 7.99
C GLU A 38 9.20 24.16 7.94
N ILE A 39 8.04 23.85 8.53
CA ILE A 39 7.64 22.45 8.75
C ILE A 39 6.20 22.17 8.33
N LYS A 40 6.01 21.01 7.71
CA LYS A 40 4.66 20.55 7.31
C LYS A 40 4.29 19.20 7.88
N GLU A 41 3.04 19.07 8.34
CA GLU A 41 2.50 17.78 8.78
C GLU A 41 2.17 16.96 7.54
N SER A 42 3.00 15.94 7.31
CA SER A 42 3.07 15.18 6.06
C SER A 42 1.88 14.22 5.96
N ASP A 43 1.33 14.10 4.76
CA ASP A 43 0.21 13.18 4.53
C ASP A 43 0.51 12.19 3.38
N ASP A 44 1.41 11.23 3.58
CA ASP A 44 2.03 10.89 4.87
C ASP A 44 3.49 10.42 4.64
N GLU A 45 4.27 10.15 5.69
CA GLU A 45 3.95 10.50 7.08
C GLU A 45 5.17 11.17 7.77
N GLY A 46 5.02 11.44 9.05
CA GLY A 46 5.96 12.27 9.78
C GLY A 46 5.83 13.70 9.28
N LEU A 47 6.96 14.40 9.22
CA LEU A 47 7.00 15.82 8.88
C LEU A 47 7.86 16.05 7.65
N ASP A 48 7.49 17.02 6.84
CA ASP A 48 8.42 17.51 5.81
C ASP A 48 9.09 18.79 6.28
N ILE A 49 10.40 18.86 6.08
CA ILE A 49 11.22 19.97 6.57
C ILE A 49 11.74 20.75 5.34
N HIS A 50 11.33 22.00 5.23
CA HIS A 50 11.86 22.86 4.19
C HIS A 50 13.04 23.63 4.79
N ILE A 51 14.25 23.39 4.26
CA ILE A 51 15.43 24.08 4.81
C ILE A 51 16.03 24.94 3.73
N SER A 52 16.16 26.24 4.02
CA SER A 52 16.78 27.13 3.04
C SER A 52 17.85 27.94 3.76
N ALA A 53 19.10 27.52 3.58
CA ALA A 53 20.23 28.06 4.34
C ALA A 53 21.26 28.56 3.37
N ASN A 54 22.19 29.31 3.94
CA ASN A 54 23.31 29.95 3.25
C ASN A 54 24.57 30.01 4.11
N SER A 55 25.67 30.47 3.50
CA SER A 55 26.94 30.63 4.22
C SER A 55 27.48 29.30 4.76
N LEU A 56 27.22 28.24 3.99
CA LEU A 56 27.74 26.91 4.28
C LEU A 56 28.84 26.53 3.30
N ARG A 57 29.55 25.46 3.67
CA ARG A 57 30.75 25.06 2.97
C ARG A 57 30.37 24.51 1.60
N PRO A 58 30.77 25.22 0.53
CA PRO A 58 30.35 24.82 -0.82
C PRO A 58 30.73 23.38 -1.18
N GLY A 59 29.76 22.64 -1.72
CA GLY A 59 29.98 21.27 -2.19
C GLY A 59 30.16 20.22 -1.10
N ALA A 60 30.00 20.61 0.17
CA ALA A 60 30.15 19.67 1.31
C ALA A 60 28.85 18.87 1.55
N SER A 61 29.01 17.67 2.13
CA SER A 61 27.93 16.92 2.78
C SER A 61 28.03 17.17 4.27
N LEU A 62 26.95 17.72 4.82
CA LEU A 62 26.94 18.16 6.20
C LEU A 62 25.90 17.44 7.07
N GLY A 63 26.35 16.99 8.24
CA GLY A 63 25.48 16.31 9.20
C GLY A 63 24.33 17.21 9.61
N PHE A 64 23.17 16.60 9.81
CA PHE A 64 21.97 17.35 10.03
C PHE A 64 21.03 16.52 10.89
N HIS A 65 20.68 17.07 12.06
CA HIS A 65 19.93 16.32 13.09
C HIS A 65 18.98 17.19 13.84
N ILE A 66 17.89 16.59 14.28
CA ILE A 66 17.03 17.24 15.26
C ILE A 66 17.54 16.83 16.64
N HIS A 67 17.87 17.85 17.43
CA HIS A 67 18.36 17.64 18.80
C HIS A 67 17.20 17.86 19.83
N GLU A 68 17.42 17.39 21.05
CA GLU A 68 16.34 17.16 21.99
C GLU A 68 15.74 18.42 22.65
N LYS A 69 16.43 19.56 22.56
CA LYS A 69 16.02 20.73 23.35
C LYS A 69 16.16 21.95 22.47
N GLY A 70 15.10 22.77 22.48
CA GLY A 70 15.00 23.98 21.68
C GLY A 70 15.83 25.10 22.30
N SER A 71 17.15 24.98 22.19
CA SER A 71 18.07 25.94 22.82
C SER A 71 19.33 26.05 21.98
N CYS A 72 19.60 27.26 21.47
CA CYS A 72 20.73 27.50 20.58
C CYS A 72 21.65 28.59 21.11
N VAL A 73 22.42 28.22 22.12
CA VAL A 73 23.36 29.18 22.78
C VAL A 73 24.71 29.14 22.10
N ARG A 74 25.08 30.28 21.51
CA ARG A 74 26.37 30.43 20.82
C ARG A 74 27.55 30.43 21.79
N PRO A 75 28.76 30.11 21.31
CA PRO A 75 29.00 29.65 19.94
C PRO A 75 28.93 28.11 19.72
N ASP A 76 28.80 27.31 20.77
CA ASP A 76 29.00 25.84 20.68
C ASP A 76 27.72 25.02 20.49
N PHE A 77 26.59 25.62 20.84
CA PHE A 77 25.28 24.93 20.78
C PHE A 77 25.18 23.61 21.58
N GLU A 78 25.97 23.42 22.65
CA GLU A 78 25.82 22.19 23.42
C GLU A 78 24.53 22.21 24.24
N SER A 79 23.94 23.37 24.43
CA SER A 79 22.70 23.59 25.11
C SER A 79 21.44 22.96 24.53
N ALA A 80 21.45 22.71 23.22
CA ALA A 80 20.68 21.65 22.59
C ALA A 80 20.70 20.18 22.84
N GLY A 81 21.73 19.60 23.48
CA GLY A 81 21.58 18.40 24.35
C GLY A 81 21.55 17.46 23.10
N GLY A 82 20.99 16.25 23.11
CA GLY A 82 21.66 15.08 22.54
C GLY A 82 20.73 14.96 21.28
N HIS A 83 20.93 14.00 20.37
CA HIS A 83 19.98 13.79 19.27
C HIS A 83 18.61 13.35 19.82
N PHE A 84 17.52 13.78 19.18
CA PHE A 84 16.16 13.49 19.65
C PHE A 84 16.00 11.98 19.48
N ASN A 85 15.71 11.28 20.58
CA ASN A 85 15.79 9.79 20.64
C ASN A 85 14.71 9.17 21.55
N PRO A 86 13.45 9.43 21.23
CA PRO A 86 12.32 9.00 22.08
C PRO A 86 12.26 7.46 22.20
N LEU A 87 12.68 6.78 21.14
CA LEU A 87 12.67 5.30 21.09
C LEU A 87 13.94 4.57 21.63
N ASN A 88 14.90 5.35 22.15
CA ASN A 88 16.16 4.83 22.74
C ASN A 88 16.97 3.89 21.84
N LYS A 89 17.23 4.33 20.60
CA LYS A 89 18.13 3.63 19.67
C LYS A 89 19.55 4.26 19.64
N GLU A 90 20.47 3.58 18.93
CA GLU A 90 21.82 4.09 18.66
C GLU A 90 21.76 5.01 17.46
N HIS A 91 22.87 5.67 17.16
CA HIS A 91 22.89 6.54 15.99
C HIS A 91 23.02 5.79 14.66
N GLY A 92 22.31 6.26 13.63
CA GLY A 92 22.73 6.04 12.25
C GLY A 92 21.87 5.14 11.39
N PHE A 93 21.52 5.63 10.19
CA PHE A 93 20.69 4.85 9.24
C PHE A 93 21.32 3.52 8.89
N ASN A 94 22.65 3.43 8.95
CA ASN A 94 23.38 2.18 8.56
C ASN A 94 23.84 1.30 9.74
N ASN A 95 23.48 1.71 10.96
CA ASN A 95 23.76 0.99 12.18
C ASN A 95 22.56 0.10 12.45
N PRO A 96 22.75 -1.23 12.45
CA PRO A 96 21.60 -2.10 12.66
C PRO A 96 20.92 -1.88 14.01
N MET A 97 21.67 -1.32 14.99
CA MET A 97 21.12 -0.87 16.29
C MET A 97 20.52 0.56 16.25
N GLY A 98 20.63 1.22 15.10
CA GLY A 98 19.97 2.55 14.88
C GLY A 98 18.46 2.55 14.62
N HIS A 99 17.85 3.73 14.46
CA HIS A 99 18.55 5.03 14.49
C HIS A 99 17.71 6.02 15.27
N HIS A 100 18.30 7.15 15.63
CA HIS A 100 17.54 8.17 16.30
C HIS A 100 16.44 8.75 15.45
N ALA A 101 15.34 9.03 16.12
CA ALA A 101 14.21 9.67 15.51
C ALA A 101 14.64 11.03 14.85
N GLY A 102 15.62 11.63 15.49
CA GLY A 102 16.16 12.95 15.03
C GLY A 102 17.21 12.85 13.92
N ASP A 103 17.52 11.64 13.45
CA ASP A 103 18.56 11.49 12.44
C ASP A 103 18.00 11.84 11.10
N LEU A 104 18.66 12.79 10.41
CA LEU A 104 18.19 13.22 9.09
C LEU A 104 19.30 13.04 8.05
N PRO A 105 19.00 13.05 6.74
CA PRO A 105 20.09 12.81 5.77
C PRO A 105 21.00 14.04 5.76
N ASN A 106 22.26 13.84 5.38
CA ASN A 106 23.18 14.98 5.15
C ASN A 106 22.59 16.00 4.18
N LEU A 107 22.87 17.29 4.46
CA LEU A 107 22.61 18.41 3.54
C LEU A 107 23.74 18.47 2.50
N GLU A 108 23.40 18.58 1.21
CA GLU A 108 24.39 18.62 0.16
C GLU A 108 24.42 20.06 -0.36
N VAL A 109 25.49 20.77 0.00
CA VAL A 109 25.64 22.23 -0.23
C VAL A 109 26.09 22.54 -1.68
N GLY A 110 25.50 23.57 -2.29
CA GLY A 110 25.98 24.07 -3.62
C GLY A 110 27.25 24.92 -3.64
N ALA A 111 27.73 25.26 -4.86
CA ALA A 111 28.98 26.05 -5.02
C ALA A 111 28.72 27.44 -4.50
N ASP A 112 27.41 27.71 -4.51
CA ASP A 112 26.62 28.75 -3.88
C ASP A 112 26.94 29.00 -2.39
N GLY A 113 27.20 27.91 -1.66
CA GLY A 113 27.26 27.95 -0.21
C GLY A 113 25.86 27.76 0.39
N LYS A 114 24.90 27.43 -0.48
CA LYS A 114 23.46 27.36 -0.15
C LYS A 114 22.89 25.97 -0.23
N VAL A 115 21.89 25.73 0.61
CA VAL A 115 21.03 24.54 0.50
C VAL A 115 19.59 25.06 0.51
N ASP A 116 18.76 24.53 -0.37
CA ASP A 116 17.36 24.93 -0.41
C ASP A 116 16.52 23.76 -0.89
N VAL A 117 16.01 22.99 0.09
CA VAL A 117 15.49 21.63 -0.18
C VAL A 117 14.36 21.29 0.77
N ILE A 118 13.59 20.25 0.43
CA ILE A 118 12.57 19.74 1.34
C ILE A 118 12.87 18.28 1.57
N MET A 119 13.10 17.91 2.84
CA MET A 119 13.41 16.52 3.16
C MET A 119 12.34 15.97 4.12
N ASN A 120 12.07 14.66 4.05
CA ASN A 120 11.08 14.05 4.92
C ASN A 120 11.74 13.52 6.21
N ALA A 121 11.07 13.72 7.35
CA ALA A 121 11.52 13.23 8.64
C ALA A 121 10.41 12.29 9.12
N PRO A 122 10.46 11.05 8.67
CA PRO A 122 9.29 10.17 8.88
C PRO A 122 9.02 9.81 10.34
N ASP A 123 10.26 10.00 11.42
CA ASP A 123 10.06 9.58 12.80
C ASP A 123 9.93 10.78 13.73
N THR A 124 8.95 11.75 13.13
CA THR A 124 8.63 12.94 13.92
C THR A 124 7.16 13.33 13.77
N SER A 125 6.76 14.24 14.67
CA SER A 125 5.38 14.68 14.82
C SER A 125 5.38 16.05 15.52
N LEU A 126 4.27 16.75 15.39
CA LEU A 126 4.02 18.01 16.11
C LEU A 126 2.86 17.82 17.11
N LYS A 127 2.32 16.59 17.15
CA LYS A 127 1.16 16.24 18.00
C LYS A 127 1.54 15.99 19.48
N LYS A 128 0.85 16.66 20.40
CA LYS A 128 1.11 16.53 21.84
C LYS A 128 1.03 15.07 22.29
N GLY A 129 0.14 14.32 21.65
CA GLY A 129 -0.05 12.89 21.95
C GLY A 129 1.05 11.94 21.49
N SER A 130 1.91 12.42 20.58
CA SER A 130 2.93 11.56 19.95
C SER A 130 4.24 11.37 20.74
N LYS A 131 4.80 10.15 20.72
CA LYS A 131 6.12 9.88 21.29
C LYS A 131 7.16 10.65 20.49
N LEU A 132 6.81 10.91 19.24
CA LEU A 132 7.76 11.43 18.25
C LEU A 132 7.63 12.96 18.17
N ASN A 133 6.98 13.54 19.18
CA ASN A 133 6.71 14.99 19.15
C ASN A 133 7.95 15.90 19.36
N ILE A 134 8.22 16.73 18.35
CA ILE A 134 9.40 17.60 18.42
C ILE A 134 8.95 18.96 18.95
N LEU A 135 7.64 19.18 18.96
CA LEU A 135 7.03 20.41 19.51
C LEU A 135 6.57 20.16 20.96
N ASP A 136 7.45 19.58 21.77
CA ASP A 136 7.14 19.13 23.13
C ASP A 136 7.48 20.26 24.13
N GLU A 137 7.48 19.94 25.43
CA GLU A 137 7.60 20.94 26.51
C GLU A 137 8.91 21.73 26.40
N ASP A 138 9.95 21.03 26.00
CA ASP A 138 11.37 21.29 25.81
C ASP A 138 11.62 22.04 24.51
N GLY A 139 10.83 21.78 23.51
CA GLY A 139 11.09 22.03 22.10
C GLY A 139 12.24 21.19 21.52
N SER A 140 12.69 21.54 20.30
CA SER A 140 13.80 20.82 19.66
C SER A 140 14.67 21.83 18.93
N ALA A 141 15.88 21.42 18.54
CA ALA A 141 16.76 22.31 17.72
C ALA A 141 17.20 21.58 16.46
N PHE A 142 17.18 22.26 15.32
CA PHE A 142 17.75 21.70 14.12
C PHE A 142 19.21 22.13 14.06
N ILE A 143 20.13 21.19 13.90
CA ILE A 143 21.56 21.52 13.94
C ILE A 143 22.26 21.01 12.69
N ILE A 144 23.05 21.88 12.07
CA ILE A 144 23.92 21.50 10.96
C ILE A 144 25.34 21.44 11.54
N HIS A 145 26.09 20.42 11.12
CA HIS A 145 27.43 20.16 11.63
C HIS A 145 28.52 20.48 10.59
N GLU A 146 29.76 20.37 11.06
CA GLU A 146 30.90 20.82 10.23
C GLU A 146 31.29 19.82 9.13
N GLN A 147 30.87 18.57 9.30
CA GLN A 147 31.40 17.46 8.54
C GLN A 147 30.22 16.53 8.29
N ALA A 148 30.40 15.55 7.40
CA ALA A 148 29.35 14.56 7.11
C ALA A 148 29.08 13.64 8.27
N ASP A 149 27.81 13.25 8.36
CA ASP A 149 27.38 12.17 9.22
C ASP A 149 27.67 10.83 8.45
N ASP A 150 28.39 9.91 9.08
CA ASP A 150 28.76 8.64 8.42
C ASP A 150 27.66 7.61 8.55
N TYR A 151 26.58 8.00 9.24
CA TYR A 151 25.35 7.19 9.34
C TYR A 151 25.59 5.91 10.17
N LEU A 152 26.61 5.91 11.04
CA LEU A 152 27.02 4.66 11.69
C LEU A 152 27.57 4.79 13.11
N THR A 153 28.46 5.77 13.29
CA THR A 153 29.21 5.91 14.52
C THR A 153 28.37 6.58 15.59
N ASN A 154 28.40 6.02 16.80
CA ASN A 154 27.83 6.69 17.96
C ASN A 154 28.71 7.81 18.49
N PRO A 155 28.08 8.82 19.11
CA PRO A 155 26.62 8.97 19.10
C PRO A 155 26.07 9.97 18.04
N SER A 156 26.96 10.57 17.24
CA SER A 156 26.57 11.57 16.24
C SER A 156 27.13 11.38 14.82
N GLY A 157 27.61 10.16 14.49
CA GLY A 157 28.10 9.87 13.15
C GLY A 157 29.39 10.57 12.79
N ASN A 158 30.16 10.97 13.80
CA ASN A 158 31.41 11.64 13.54
C ASN A 158 31.17 12.92 12.72
N SER A 159 30.05 13.60 13.00
CA SER A 159 29.65 14.85 12.33
C SER A 159 30.47 16.08 12.80
N GLY A 160 31.22 15.94 13.90
CA GLY A 160 32.01 17.07 14.41
C GLY A 160 31.19 18.18 15.02
N ALA A 161 31.80 19.37 15.07
CA ALA A 161 31.21 20.52 15.68
C ALA A 161 29.84 20.94 15.14
N ARG A 162 29.08 21.58 16.03
CA ARG A 162 27.78 22.14 15.71
C ARG A 162 27.99 23.54 15.11
N ILE A 163 27.58 23.76 13.85
CA ILE A 163 27.86 25.09 13.20
C ILE A 163 26.68 26.05 12.88
N VAL A 164 25.45 25.50 12.88
CA VAL A 164 24.25 26.28 12.60
C VAL A 164 23.16 25.67 13.46
N CYS A 165 22.40 26.52 14.14
CA CYS A 165 21.39 26.03 15.08
C CYS A 165 20.09 26.82 14.89
N GLY A 166 18.94 26.16 14.94
CA GLY A 166 17.68 26.90 15.03
C GLY A 166 16.76 26.18 15.98
N ALA A 167 16.12 26.94 16.87
CA ALA A 167 15.23 26.34 17.91
C ALA A 167 13.76 26.45 17.63
N LEU A 168 13.09 25.31 17.77
CA LEU A 168 11.64 25.26 17.75
C LEU A 168 11.26 25.24 19.22
N LEU A 169 10.67 26.33 19.70
CA LEU A 169 10.37 26.39 21.12
C LEU A 169 9.04 25.70 21.41
N GLY A 170 8.88 25.26 22.65
CA GLY A 170 7.58 25.44 23.32
C GLY A 170 6.89 24.28 24.00
N ALA B 19 -35.77 -21.68 -21.92
CA ALA B 19 -35.50 -20.21 -21.85
C ALA B 19 -34.49 -19.90 -20.75
N PHE B 20 -33.75 -18.80 -20.89
CA PHE B 20 -32.81 -18.38 -19.85
C PHE B 20 -33.55 -17.77 -18.69
N GLY B 21 -32.99 -17.94 -17.50
CA GLY B 21 -33.57 -17.41 -16.27
C GLY B 21 -32.60 -17.48 -15.10
N HIS B 22 -33.15 -17.57 -13.90
CA HIS B 22 -32.38 -17.45 -12.65
C HIS B 22 -31.37 -16.31 -12.72
N HIS B 23 -31.86 -15.09 -13.00
CA HIS B 23 -31.02 -13.89 -13.11
C HIS B 23 -30.15 -13.71 -11.88
N VAL B 24 -28.85 -13.53 -12.12
CA VAL B 24 -27.88 -13.23 -11.08
C VAL B 24 -27.20 -11.88 -11.39
N GLN B 25 -27.19 -10.96 -10.44
CA GLN B 25 -26.44 -9.71 -10.67
C GLN B 25 -24.98 -9.86 -10.27
N LEU B 26 -24.10 -9.27 -11.09
CA LEU B 26 -22.66 -9.30 -10.86
C LEU B 26 -22.18 -8.03 -10.19
N VAL B 27 -21.35 -8.19 -9.17
CA VAL B 27 -20.75 -7.06 -8.45
C VAL B 27 -19.21 -7.21 -8.35
N ASN B 28 -18.51 -6.10 -8.48
CA ASN B 28 -17.05 -6.05 -8.33
C ASN B 28 -16.62 -5.87 -6.85
N ARG B 29 -15.31 -5.74 -6.61
CA ARG B 29 -14.74 -5.54 -5.25
C ARG B 29 -15.50 -4.47 -4.42
N GLU B 30 -15.98 -3.43 -5.11
CA GLU B 30 -16.65 -2.29 -4.45
C GLU B 30 -18.17 -2.35 -4.41
N GLY B 31 -18.72 -3.49 -4.80
CA GLY B 31 -20.16 -3.68 -4.80
C GLY B 31 -20.87 -2.88 -5.88
N LYS B 32 -20.11 -2.40 -6.88
CA LYS B 32 -20.73 -1.78 -8.06
C LYS B 32 -21.25 -2.86 -8.97
N ALA B 33 -22.45 -2.65 -9.52
CA ALA B 33 -23.00 -3.51 -10.57
C ALA B 33 -22.12 -3.41 -11.83
N VAL B 34 -21.70 -4.58 -12.31
CA VAL B 34 -20.90 -4.66 -13.52
C VAL B 34 -21.44 -5.70 -14.50
N GLY B 35 -22.74 -6.00 -14.43
CA GLY B 35 -23.38 -6.90 -15.39
C GLY B 35 -24.26 -7.96 -14.75
N PHE B 36 -24.45 -9.08 -15.43
CA PHE B 36 -25.36 -10.11 -14.97
C PHE B 36 -25.00 -11.48 -15.53
N ILE B 37 -25.62 -12.51 -14.96
CA ILE B 37 -25.61 -13.86 -15.48
C ILE B 37 -27.05 -14.39 -15.51
N GLU B 38 -27.37 -15.23 -16.51
CA GLU B 38 -28.62 -16.03 -16.52
C GLU B 38 -28.34 -17.46 -16.97
N ILE B 39 -29.24 -18.38 -16.65
CA ILE B 39 -29.01 -19.83 -16.81
C ILE B 39 -30.11 -20.58 -17.55
N LYS B 40 -29.70 -21.51 -18.40
CA LYS B 40 -30.60 -22.35 -19.17
C LYS B 40 -30.29 -23.82 -18.93
N GLU B 41 -31.30 -24.60 -18.55
CA GLU B 41 -31.16 -26.05 -18.44
C GLU B 41 -31.04 -26.61 -19.85
N SER B 42 -29.84 -27.09 -20.16
CA SER B 42 -29.38 -27.16 -21.54
C SER B 42 -29.93 -28.29 -22.41
N ASP B 43 -30.36 -27.90 -23.59
CA ASP B 43 -30.34 -28.78 -24.75
C ASP B 43 -29.04 -28.39 -25.45
N ASP B 44 -27.93 -29.12 -25.25
CA ASP B 44 -27.81 -30.34 -24.43
C ASP B 44 -26.33 -30.52 -24.06
N GLU B 45 -25.99 -31.05 -22.88
CA GLU B 45 -26.86 -31.12 -21.70
C GLU B 45 -26.07 -30.44 -20.57
N GLY B 46 -26.54 -30.53 -19.32
CA GLY B 46 -25.96 -29.72 -18.24
C GLY B 46 -26.57 -28.33 -18.33
N LEU B 47 -25.78 -27.29 -18.09
CA LEU B 47 -26.29 -25.91 -18.12
C LEU B 47 -25.60 -24.99 -19.14
N ASP B 48 -26.31 -23.94 -19.55
CA ASP B 48 -25.74 -22.85 -20.35
C ASP B 48 -25.70 -21.57 -19.51
N ILE B 49 -24.59 -20.88 -19.57
CA ILE B 49 -24.39 -19.72 -18.77
C ILE B 49 -24.17 -18.48 -19.64
N HIS B 50 -25.16 -17.59 -19.67
CA HIS B 50 -25.06 -16.28 -20.33
C HIS B 50 -24.42 -15.25 -19.39
N ILE B 51 -23.19 -14.81 -19.69
CA ILE B 51 -22.56 -13.76 -18.91
C ILE B 51 -22.35 -12.49 -19.73
N SER B 52 -22.79 -11.37 -19.18
CA SER B 52 -22.63 -10.09 -19.83
C SER B 52 -22.12 -9.05 -18.82
N ALA B 53 -20.82 -8.74 -18.93
CA ALA B 53 -20.12 -7.90 -17.92
C ALA B 53 -19.37 -6.75 -18.53
N ASN B 54 -19.02 -5.78 -17.68
CA ASN B 54 -18.25 -4.63 -18.08
C ASN B 54 -17.24 -4.27 -17.00
N SER B 55 -16.54 -3.15 -17.20
CA SER B 55 -15.51 -2.60 -16.29
C SER B 55 -14.41 -3.63 -16.01
N LEU B 56 -14.06 -4.40 -17.03
CA LEU B 56 -13.02 -5.44 -16.91
C LEU B 56 -11.75 -5.03 -17.66
N ARG B 57 -10.62 -5.65 -17.33
CA ARG B 57 -9.35 -5.29 -17.95
C ARG B 57 -9.35 -5.60 -19.44
N PRO B 58 -9.32 -4.55 -20.26
CA PRO B 58 -9.48 -4.65 -21.71
C PRO B 58 -8.48 -5.60 -22.41
N GLY B 59 -8.99 -6.34 -23.40
CA GLY B 59 -8.22 -7.36 -24.10
C GLY B 59 -7.71 -8.51 -23.25
N ALA B 60 -7.96 -8.45 -21.95
CA ALA B 60 -7.55 -9.49 -21.00
C ALA B 60 -8.19 -10.85 -21.25
N SER B 61 -7.50 -11.87 -20.75
CA SER B 61 -8.01 -13.23 -20.64
C SER B 61 -8.14 -13.55 -19.15
N LEU B 62 -9.38 -13.82 -18.70
CA LEU B 62 -9.63 -13.80 -17.24
C LEU B 62 -10.23 -15.07 -16.74
N GLY B 63 -9.69 -15.62 -15.66
CA GLY B 63 -10.20 -16.85 -15.06
C GLY B 63 -11.65 -16.68 -14.59
N PHE B 64 -12.41 -17.77 -14.55
CA PHE B 64 -13.88 -17.72 -14.34
C PHE B 64 -14.41 -19.10 -13.85
N HIS B 65 -14.94 -19.21 -12.61
CA HIS B 65 -15.46 -20.50 -12.08
C HIS B 65 -16.75 -20.37 -11.23
N ILE B 66 -17.48 -21.48 -11.10
CA ILE B 66 -18.62 -21.64 -10.17
C ILE B 66 -18.07 -22.13 -8.83
N HIS B 67 -18.29 -21.33 -7.78
CA HIS B 67 -17.87 -21.67 -6.41
C HIS B 67 -19.05 -22.24 -5.62
N GLU B 68 -18.75 -22.91 -4.49
CA GLU B 68 -19.74 -23.80 -3.83
C GLU B 68 -20.70 -23.12 -2.83
N LYS B 69 -20.51 -21.83 -2.60
CA LYS B 69 -21.34 -21.07 -1.67
C LYS B 69 -21.94 -19.84 -2.35
N GLY B 70 -23.26 -19.80 -2.44
CA GLY B 70 -23.97 -18.67 -3.03
C GLY B 70 -23.94 -17.42 -2.16
N SER B 71 -22.78 -16.77 -2.09
CA SER B 71 -22.54 -15.74 -1.10
C SER B 71 -21.35 -14.90 -1.52
N CYS B 72 -21.54 -13.58 -1.57
CA CYS B 72 -20.58 -12.65 -2.21
C CYS B 72 -20.17 -11.51 -1.31
N VAL B 73 -19.24 -11.74 -0.41
CA VAL B 73 -18.88 -10.73 0.59
C VAL B 73 -17.60 -9.93 0.24
N ARG B 74 -17.78 -8.61 0.13
CA ARG B 74 -16.68 -7.67 -0.15
C ARG B 74 -15.65 -7.68 0.96
N PRO B 75 -14.38 -7.41 0.63
CA PRO B 75 -13.96 -7.06 -0.73
C PRO B 75 -13.50 -8.25 -1.59
N ASP B 76 -13.36 -9.41 -0.96
CA ASP B 76 -12.49 -10.47 -1.47
C ASP B 76 -13.19 -11.74 -1.93
N PHE B 77 -14.46 -11.90 -1.57
CA PHE B 77 -15.30 -13.06 -1.96
C PHE B 77 -14.85 -14.46 -1.52
N GLU B 78 -13.95 -14.53 -0.53
CA GLU B 78 -13.57 -15.82 0.07
C GLU B 78 -14.81 -16.51 0.56
N SER B 79 -15.84 -15.70 0.71
CA SER B 79 -16.88 -15.92 1.66
C SER B 79 -18.19 -16.35 1.02
N ALA B 80 -18.33 -17.58 0.49
CA ALA B 80 -17.26 -18.55 0.13
C ALA B 80 -17.30 -18.78 -1.41
N GLY B 81 -16.97 -19.96 -1.97
CA GLY B 81 -16.03 -20.99 -1.44
C GLY B 81 -14.65 -20.85 -2.10
N GLY B 82 -13.95 -21.92 -2.50
CA GLY B 82 -14.47 -23.27 -2.72
C GLY B 82 -14.97 -23.39 -4.16
N HIS B 83 -14.19 -24.02 -5.07
CA HIS B 83 -14.72 -24.30 -6.42
C HIS B 83 -15.73 -25.42 -6.31
N PHE B 84 -16.85 -25.30 -7.00
CA PHE B 84 -17.89 -26.34 -6.97
C PHE B 84 -17.29 -27.67 -7.40
N ASN B 85 -17.22 -28.59 -6.44
CA ASN B 85 -16.49 -29.85 -6.62
C ASN B 85 -17.17 -31.06 -5.99
N PRO B 86 -18.42 -31.33 -6.40
CA PRO B 86 -19.19 -32.45 -5.84
C PRO B 86 -18.57 -33.84 -6.11
N LEU B 87 -17.77 -33.94 -7.17
CA LEU B 87 -17.12 -35.20 -7.53
C LEU B 87 -15.65 -35.30 -7.02
N ASN B 88 -15.26 -34.35 -6.18
CA ASN B 88 -13.99 -34.38 -5.44
C ASN B 88 -12.72 -34.59 -6.28
N LYS B 89 -12.64 -33.93 -7.43
CA LYS B 89 -11.43 -33.97 -8.26
C LYS B 89 -10.56 -32.73 -8.01
N GLU B 90 -9.40 -32.66 -8.66
CA GLU B 90 -8.53 -31.46 -8.59
C GLU B 90 -8.95 -30.36 -9.59
N HIS B 91 -8.20 -29.25 -9.64
CA HIS B 91 -8.52 -28.16 -10.58
C HIS B 91 -7.92 -28.36 -11.98
N GLY B 92 -8.71 -28.09 -13.02
CA GLY B 92 -8.14 -27.88 -14.35
C GLY B 92 -8.52 -28.85 -15.45
N PHE B 93 -8.93 -28.30 -16.60
CA PHE B 93 -9.23 -29.09 -17.80
C PHE B 93 -8.09 -30.00 -18.25
N ASN B 94 -6.87 -29.48 -18.18
CA ASN B 94 -5.68 -30.19 -18.64
C ASN B 94 -4.95 -30.98 -17.55
N ASN B 95 -5.59 -31.07 -16.38
CA ASN B 95 -5.11 -31.87 -15.27
C ASN B 95 -5.77 -33.25 -15.34
N PRO B 96 -4.98 -34.33 -15.41
CA PRO B 96 -5.52 -35.69 -15.52
C PRO B 96 -6.34 -36.12 -14.29
N MET B 97 -6.03 -35.54 -13.13
CA MET B 97 -6.79 -35.82 -11.90
C MET B 97 -7.94 -34.84 -11.68
N GLY B 98 -8.15 -33.94 -12.64
CA GLY B 98 -8.87 -32.73 -12.38
C GLY B 98 -10.26 -32.52 -13.01
N HIS B 99 -10.62 -31.95 -13.36
CA HIS B 99 -11.48 -30.79 -13.25
C HIS B 99 -12.79 -31.14 -12.55
N HIS B 100 -12.75 -29.69 -11.52
CA HIS B 100 -13.84 -29.28 -10.68
C HIS B 100 -15.11 -29.05 -11.55
N ALA B 101 -16.25 -29.60 -11.18
CA ALA B 101 -17.50 -29.42 -11.97
C ALA B 101 -17.77 -27.95 -12.26
N GLY B 102 -17.29 -27.09 -11.37
CA GLY B 102 -17.44 -25.65 -11.51
C GLY B 102 -16.36 -24.94 -12.32
N ASP B 103 -15.41 -25.69 -12.91
CA ASP B 103 -14.39 -25.03 -13.76
C ASP B 103 -14.97 -24.69 -15.13
N LEU B 104 -14.85 -23.41 -15.51
CA LEU B 104 -15.32 -22.90 -16.81
C LEU B 104 -14.13 -22.33 -17.60
N PRO B 105 -14.26 -22.16 -18.92
CA PRO B 105 -13.19 -21.53 -19.71
C PRO B 105 -12.90 -20.07 -19.33
N ASN B 106 -11.69 -19.59 -19.61
CA ASN B 106 -11.35 -18.18 -19.47
C ASN B 106 -12.26 -17.24 -20.29
N LEU B 107 -12.58 -16.07 -19.73
CA LEU B 107 -13.28 -15.03 -20.49
C LEU B 107 -12.33 -14.14 -21.29
N GLU B 108 -12.71 -13.79 -22.53
CA GLU B 108 -11.97 -12.84 -23.35
C GLU B 108 -12.61 -11.44 -23.34
N VAL B 109 -11.91 -10.42 -22.85
CA VAL B 109 -12.46 -9.06 -22.83
C VAL B 109 -12.27 -8.27 -24.15
N GLY B 110 -13.34 -7.61 -24.60
CA GLY B 110 -13.27 -6.71 -25.74
C GLY B 110 -12.33 -5.54 -25.50
N ALA B 111 -12.22 -4.63 -26.48
CA ALA B 111 -11.40 -3.43 -26.33
C ALA B 111 -12.08 -2.63 -25.22
N ASP B 112 -13.36 -2.38 -25.48
CA ASP B 112 -14.49 -2.38 -24.53
C ASP B 112 -14.30 -2.37 -23.02
N GLY B 113 -13.67 -3.41 -22.49
CA GLY B 113 -13.79 -3.73 -21.08
C GLY B 113 -14.98 -4.64 -20.80
N LYS B 114 -15.64 -5.09 -21.88
CA LYS B 114 -16.86 -5.89 -21.75
C LYS B 114 -16.67 -7.29 -22.30
N VAL B 115 -17.44 -8.20 -21.70
CA VAL B 115 -17.56 -9.57 -22.17
C VAL B 115 -19.06 -9.92 -22.26
N ASP B 116 -19.47 -10.60 -23.34
CA ASP B 116 -20.89 -10.89 -23.54
C ASP B 116 -21.04 -12.21 -24.31
N VAL B 117 -21.08 -13.33 -23.58
CA VAL B 117 -21.04 -14.68 -24.15
C VAL B 117 -21.93 -15.69 -23.44
N ILE B 118 -22.16 -16.81 -24.09
CA ILE B 118 -22.82 -17.95 -23.47
C ILE B 118 -21.82 -19.09 -23.46
N MET B 119 -21.54 -19.58 -22.25
CA MET B 119 -20.70 -20.75 -22.02
C MET B 119 -21.53 -21.94 -21.56
N ASN B 120 -21.16 -23.16 -21.97
CA ASN B 120 -21.79 -24.38 -21.44
C ASN B 120 -21.00 -24.96 -20.25
N ALA B 121 -21.69 -25.14 -19.12
CA ALA B 121 -21.11 -25.86 -17.98
C ALA B 121 -21.66 -27.32 -17.90
N PRO B 122 -21.03 -28.27 -18.60
CA PRO B 122 -21.66 -29.57 -18.86
C PRO B 122 -21.93 -30.44 -17.63
N ASP B 123 -21.24 -30.13 -16.52
CA ASP B 123 -21.28 -30.95 -15.30
C ASP B 123 -22.01 -30.24 -14.15
N THR B 124 -23.04 -29.47 -14.51
CA THR B 124 -23.84 -28.76 -13.52
C THR B 124 -25.32 -29.06 -13.72
N SER B 125 -26.14 -28.63 -12.76
CA SER B 125 -27.57 -28.90 -12.81
C SER B 125 -28.33 -27.97 -11.89
N LEU B 126 -29.66 -27.92 -12.08
CA LEU B 126 -30.56 -27.18 -11.22
C LEU B 126 -31.59 -28.15 -10.64
N LYS B 127 -31.59 -29.38 -11.17
CA LYS B 127 -32.51 -30.44 -10.78
C LYS B 127 -32.31 -30.81 -9.32
N LYS B 128 -33.39 -30.89 -8.57
CA LYS B 128 -33.34 -31.33 -7.17
C LYS B 128 -32.89 -32.80 -7.06
N GLY B 129 -32.16 -33.12 -6.00
CA GLY B 129 -31.60 -34.45 -5.80
C GLY B 129 -30.40 -34.76 -6.70
N SER B 130 -30.01 -33.79 -7.52
CA SER B 130 -28.81 -33.92 -8.35
C SER B 130 -27.60 -33.52 -7.51
N LYS B 131 -26.51 -34.29 -7.60
CA LYS B 131 -25.28 -33.93 -6.90
C LYS B 131 -24.58 -32.76 -7.60
N LEU B 132 -24.75 -32.70 -8.92
CA LEU B 132 -24.23 -31.63 -9.77
C LEU B 132 -25.08 -30.37 -9.65
N ASN B 133 -26.26 -30.53 -9.06
CA ASN B 133 -27.13 -29.42 -8.70
C ASN B 133 -26.35 -28.28 -8.06
N ILE B 134 -26.31 -27.15 -8.76
CA ILE B 134 -25.63 -25.93 -8.28
C ILE B 134 -26.64 -25.04 -7.59
N LEU B 135 -27.91 -25.41 -7.74
CA LEU B 135 -28.99 -24.90 -6.93
C LEU B 135 -29.10 -25.92 -5.81
N ASP B 136 -28.98 -25.46 -4.58
CA ASP B 136 -29.10 -26.34 -3.42
C ASP B 136 -29.28 -25.42 -2.23
N GLU B 137 -29.26 -25.99 -1.02
CA GLU B 137 -29.40 -25.20 0.20
C GLU B 137 -28.50 -23.96 0.22
N ASP B 138 -27.23 -24.19 -0.08
CA ASP B 138 -26.15 -23.22 0.08
C ASP B 138 -26.08 -22.18 -1.05
N GLY B 139 -26.61 -22.55 -2.22
CA GLY B 139 -26.40 -21.78 -3.43
C GLY B 139 -25.00 -21.99 -3.98
N SER B 140 -24.74 -21.43 -5.16
CA SER B 140 -23.39 -21.39 -5.72
C SER B 140 -23.06 -19.95 -6.09
N ALA B 141 -21.78 -19.66 -6.33
CA ALA B 141 -21.38 -18.30 -6.74
C ALA B 141 -20.50 -18.30 -7.98
N PHE B 142 -20.80 -17.42 -8.93
CA PHE B 142 -19.98 -17.25 -10.14
C PHE B 142 -18.87 -16.23 -9.89
N ILE B 143 -17.59 -16.64 -10.01
CA ILE B 143 -16.48 -15.70 -9.79
C ILE B 143 -15.58 -15.50 -11.02
N ILE B 144 -15.27 -14.24 -11.32
CA ILE B 144 -14.27 -13.83 -12.33
C ILE B 144 -12.99 -13.44 -11.59
N HIS B 145 -11.88 -14.06 -11.98
CA HIS B 145 -10.60 -13.89 -11.30
C HIS B 145 -9.74 -12.88 -12.07
N GLU B 146 -8.59 -12.47 -11.51
CA GLU B 146 -7.82 -11.31 -12.03
C GLU B 146 -6.88 -11.60 -13.22
N GLN B 147 -6.39 -12.83 -13.32
CA GLN B 147 -5.49 -13.24 -14.39
C GLN B 147 -6.15 -14.36 -15.15
N ALA B 148 -5.54 -14.80 -16.25
CA ALA B 148 -5.98 -16.01 -16.94
C ALA B 148 -5.65 -17.31 -16.19
N ASP B 149 -6.56 -18.26 -16.30
CA ASP B 149 -6.46 -19.59 -15.72
C ASP B 149 -5.56 -20.46 -16.62
N ASP B 150 -4.71 -21.30 -16.00
CA ASP B 150 -3.86 -22.25 -16.76
C ASP B 150 -4.42 -23.69 -16.86
N TYR B 151 -5.67 -23.86 -16.43
CA TYR B 151 -6.38 -25.15 -16.58
C TYR B 151 -5.60 -26.35 -15.98
N LEU B 152 -4.70 -26.08 -15.03
CA LEU B 152 -3.76 -27.08 -14.54
C LEU B 152 -3.42 -27.04 -13.03
N THR B 153 -2.98 -25.87 -12.54
CA THR B 153 -2.47 -25.73 -11.17
C THR B 153 -3.60 -25.82 -10.13
N ASN B 154 -3.41 -26.62 -9.08
CA ASN B 154 -4.32 -26.62 -7.92
C ASN B 154 -4.05 -25.41 -7.02
N PRO B 155 -5.06 -24.88 -6.34
CA PRO B 155 -6.49 -25.19 -6.54
C PRO B 155 -7.19 -24.22 -7.50
N SER B 156 -6.40 -23.34 -8.12
CA SER B 156 -6.82 -22.03 -8.62
C SER B 156 -6.50 -21.78 -10.11
N GLY B 157 -5.65 -22.63 -10.68
CA GLY B 157 -5.06 -22.36 -12.01
C GLY B 157 -4.25 -21.07 -12.08
N ASN B 158 -3.81 -20.60 -10.90
CA ASN B 158 -3.06 -19.34 -10.80
C ASN B 158 -3.79 -18.14 -11.43
N SER B 159 -5.12 -18.14 -11.30
CA SER B 159 -5.91 -17.07 -11.89
C SER B 159 -5.99 -15.83 -11.00
N GLY B 160 -5.52 -15.96 -9.76
CA GLY B 160 -5.29 -14.81 -8.89
C GLY B 160 -6.48 -14.44 -8.03
N ALA B 161 -6.61 -13.15 -7.75
CA ALA B 161 -7.66 -12.62 -6.85
C ALA B 161 -9.06 -12.83 -7.42
N ARG B 162 -10.05 -12.90 -6.53
CA ARG B 162 -11.45 -12.89 -6.89
C ARG B 162 -11.95 -11.46 -7.09
N ILE B 163 -12.26 -11.08 -8.33
CA ILE B 163 -12.56 -9.68 -8.65
C ILE B 163 -14.03 -9.38 -8.96
N VAL B 164 -14.79 -10.42 -9.33
CA VAL B 164 -16.23 -10.29 -9.54
C VAL B 164 -16.96 -11.48 -8.97
N CYS B 165 -18.14 -11.22 -8.38
CA CYS B 165 -18.91 -12.29 -7.78
C CYS B 165 -20.40 -12.16 -8.09
N GLY B 166 -21.08 -13.30 -8.20
CA GLY B 166 -22.53 -13.31 -8.33
C GLY B 166 -23.15 -14.51 -7.66
N ALA B 167 -24.07 -14.27 -6.71
CA ALA B 167 -24.69 -15.38 -5.98
C ALA B 167 -26.00 -15.88 -6.59
N LEU B 168 -26.04 -17.19 -6.80
CA LEU B 168 -27.22 -17.93 -7.22
C LEU B 168 -27.90 -18.63 -6.03
N LEU B 169 -29.15 -18.20 -5.72
CA LEU B 169 -30.03 -18.90 -4.76
C LEU B 169 -31.42 -19.19 -5.38
N GLY B 170 -32.30 -19.82 -4.59
CA GLY B 170 -33.67 -20.10 -5.02
C GLY B 170 -34.02 -21.58 -5.04
CU CU C . 23.75 16.82 15.64
ZN ZN D . 21.71 10.37 15.83
ZN ZN E . 13.08 26.74 -0.68
ZN ZN F . 13.45 6.24 10.82
ZN ZN G . 12.15 18.13 23.32
CU CU H . -12.47 -19.43 -8.92
ZN ZN I . -11.23 -25.33 -10.08
#